data_3IVG
#
_entry.id   3IVG
#
_cell.length_a   48.330
_cell.length_b   70.710
_cell.length_c   81.850
_cell.angle_alpha   90.00
_cell.angle_beta   99.60
_cell.angle_gamma   90.00
#
_symmetry.space_group_name_H-M   'P 1 21 1'
#
loop_
_entity.id
_entity.type
_entity.pdbx_description
1 polymer 'Pantothenate synthetase'
2 non-polymer GLYCEROL
3 non-polymer ETHANOL
4 non-polymer 1,2-ETHANEDIOL
5 non-polymer '(2-{[(1-benzofuran-2-ylsulfonyl)amino]methyl}-5-methoxy-1H-indol-1-yl)acetic acid'
6 water water
#
_entity_poly.entity_id   1
_entity_poly.type   'polypeptide(L)'
_entity_poly.pdbx_seq_one_letter_code
;MAIPAFHPGELNVYSAPGDVADVSRALRLTGRRVMLVPTMGALHEGHLALVRAAKRVPGSVVVVSIFVNPMQFGAGGDLD
AYPRTPDDDLAQLRAEGVEIAFTPTTAAMYPDGLRTTVQPGPLAAELEGGPRPTHFAGVLTVVLKLLQIVRPDRVFFGEK
DYQQLVLIRQLVADFNLDVAVVGVPTVREADGLAMSSRNRYLDPAQRAAAVALSAALTAAAHAATAGAQAALDAARAVLD
AAPGVAVDYLELRDIGLGPMPLNGSGRLLVAARLGTTRLLDNIAIEIGTFAGTDRPDGYRA
;
_entity_poly.pdbx_strand_id   A,B
#
loop_
_chem_comp.id
_chem_comp.type
_chem_comp.name
_chem_comp.formula
EDO non-polymer 1,2-ETHANEDIOL 'C2 H6 O2'
EOH non-polymer ETHANOL 'C2 H6 O'
FG5 non-polymer '(2-{[(1-benzofuran-2-ylsulfonyl)amino]methyl}-5-methoxy-1H-indol-1-yl)acetic acid' 'C20 H18 N2 O6 S'
GOL non-polymer GLYCEROL 'C3 H8 O3'
#
# COMPACT_ATOMS: atom_id res chain seq x y z
N ILE A 3 19.88 -12.43 -11.56
CA ILE A 3 19.75 -11.20 -12.40
C ILE A 3 19.65 -11.60 -13.88
N PRO A 4 18.61 -11.10 -14.59
CA PRO A 4 18.64 -11.28 -16.04
C PRO A 4 19.75 -10.43 -16.67
N ALA A 5 19.94 -10.55 -17.98
CA ALA A 5 20.86 -9.65 -18.69
C ALA A 5 20.40 -8.20 -18.56
N PHE A 6 21.36 -7.31 -18.28
CA PHE A 6 21.18 -5.87 -18.43
C PHE A 6 22.37 -5.35 -19.19
N HIS A 7 22.12 -4.82 -20.39
CA HIS A 7 23.16 -4.19 -21.22
C HIS A 7 23.11 -2.66 -21.15
N PRO A 8 24.08 -2.06 -20.43
CA PRO A 8 24.15 -0.61 -20.35
C PRO A 8 24.24 0.03 -21.71
N GLY A 9 23.63 1.21 -21.80
CA GLY A 9 23.67 2.04 -23.00
C GLY A 9 22.67 1.61 -24.04
N GLU A 10 21.94 0.51 -23.74
CA GLU A 10 20.91 -0.07 -24.60
C GLU A 10 19.54 -0.15 -23.90
N LEU A 11 18.48 -0.18 -24.68
CA LEU A 11 17.15 -0.36 -24.10
C LEU A 11 16.98 -1.83 -23.75
N ASN A 12 16.84 -2.10 -22.46
CA ASN A 12 16.56 -3.42 -21.91
C ASN A 12 15.09 -3.47 -21.55
N VAL A 13 14.36 -4.43 -22.13
CA VAL A 13 12.90 -4.55 -21.89
C VAL A 13 12.62 -5.78 -21.03
N TYR A 14 11.98 -5.55 -19.87
CA TYR A 14 11.52 -6.66 -19.01
C TYR A 14 10.01 -6.65 -18.81
N SER A 15 9.41 -7.83 -18.91
CA SER A 15 8.00 -8.03 -18.60
C SER A 15 7.75 -8.61 -17.20
N ALA A 16 8.67 -9.43 -16.70
CA ALA A 16 8.46 -10.05 -15.41
C ALA A 16 8.83 -9.10 -14.30
N PRO A 17 7.91 -8.86 -13.35
CA PRO A 17 8.28 -8.04 -12.20
C PRO A 17 9.56 -8.49 -11.52
N GLY A 18 9.76 -9.80 -11.35
CA GLY A 18 10.95 -10.29 -10.66
C GLY A 18 12.25 -9.88 -11.38
N ASP A 19 12.25 -9.91 -12.72
CA ASP A 19 13.41 -9.47 -13.54
C ASP A 19 13.79 -8.02 -13.33
N VAL A 20 12.83 -7.10 -13.46
CA VAL A 20 13.11 -5.67 -13.22
C VAL A 20 13.50 -5.38 -11.79
N ALA A 21 12.89 -6.08 -10.83
CA ALA A 21 13.17 -5.92 -9.43
C ALA A 21 14.62 -6.35 -9.16
N ASP A 22 15.03 -7.48 -9.72
CA ASP A 22 16.38 -7.98 -9.49
C ASP A 22 17.42 -7.02 -10.12
N VAL A 23 17.22 -6.67 -11.39
CA VAL A 23 18.07 -5.73 -12.10
C VAL A 23 18.19 -4.38 -11.35
N SER A 24 17.06 -3.88 -10.87
CA SER A 24 17.02 -2.60 -10.16
C SER A 24 17.82 -2.62 -8.87
N ARG A 25 17.68 -3.70 -8.11
CA ARG A 25 18.30 -3.84 -6.78
C ARG A 25 19.80 -3.94 -7.01
N ALA A 26 20.18 -4.70 -8.02
CA ALA A 26 21.58 -4.88 -8.36
C ALA A 26 22.19 -3.57 -8.84
N LEU A 27 21.42 -2.76 -9.60
CA LEU A 27 21.93 -1.45 -10.01
C LEU A 27 22.11 -0.54 -8.79
N ARG A 28 21.11 -0.49 -7.92
CA ARG A 28 21.23 0.34 -6.73
C ARG A 28 22.44 -0.06 -5.91
N LEU A 29 22.69 -1.37 -5.81
CA LEU A 29 23.80 -1.86 -5.00
C LEU A 29 25.14 -1.55 -5.66
N THR A 30 25.13 -1.20 -6.94
CA THR A 30 26.37 -0.80 -7.62
C THR A 30 26.62 0.69 -7.56
N GLY A 31 25.72 1.43 -6.91
CA GLY A 31 25.85 2.90 -6.86
C GLY A 31 25.06 3.72 -7.87
N ARG A 32 24.33 3.08 -8.77
CA ARG A 32 23.48 3.85 -9.67
C ARG A 32 22.23 4.28 -8.90
N ARG A 33 21.71 5.46 -9.22
CA ARG A 33 20.41 5.87 -8.69
C ARG A 33 19.28 5.54 -9.66
N VAL A 34 18.28 4.85 -9.17
CA VAL A 34 17.19 4.37 -10.02
C VAL A 34 16.01 5.38 -10.12
N MET A 35 15.71 5.81 -11.33
CA MET A 35 14.62 6.77 -11.58
C MET A 35 13.42 6.01 -12.18
N LEU A 36 12.19 6.23 -11.70
CA LEU A 36 11.01 5.58 -12.34
C LEU A 36 10.09 6.63 -12.91
N VAL A 37 9.67 6.41 -14.17
CA VAL A 37 8.65 7.20 -14.85
C VAL A 37 7.49 6.26 -15.20
N PRO A 38 6.47 6.19 -14.36
CA PRO A 38 5.34 5.30 -14.58
C PRO A 38 4.44 5.90 -15.61
N THR A 39 4.13 5.15 -16.65
CA THR A 39 3.31 5.62 -17.74
C THR A 39 2.27 4.57 -18.16
N MET A 40 1.29 5.01 -18.92
CA MET A 40 0.35 4.10 -19.53
C MET A 40 0.61 3.99 -21.04
N GLY A 41 1.86 4.23 -21.44
CA GLY A 41 2.24 4.14 -22.87
C GLY A 41 1.62 5.29 -23.67
N ALA A 42 1.56 5.12 -24.99
CA ALA A 42 1.13 6.20 -25.89
C ALA A 42 1.95 7.47 -25.60
N LEU A 43 3.27 7.33 -25.65
CA LEU A 43 4.17 8.34 -25.15
C LEU A 43 4.20 9.55 -26.09
N HIS A 44 4.12 10.73 -25.50
CA HIS A 44 4.21 11.97 -26.25
C HIS A 44 5.23 12.85 -25.55
N GLU A 45 5.42 14.09 -26.02
CA GLU A 45 6.47 14.97 -25.52
C GLU A 45 6.39 15.29 -24.03
N GLY A 46 5.18 15.24 -23.48
CA GLY A 46 4.97 15.35 -22.01
C GLY A 46 5.73 14.26 -21.24
N HIS A 47 5.47 13.00 -21.61
CA HIS A 47 6.29 11.87 -21.12
C HIS A 47 7.79 12.05 -21.36
N LEU A 48 8.22 12.60 -22.52
CA LEU A 48 9.67 12.69 -22.75
C LEU A 48 10.30 13.75 -21.79
N ALA A 49 9.54 14.79 -21.45
CA ALA A 49 10.02 15.74 -20.42
C ALA A 49 10.31 15.03 -19.09
N LEU A 50 9.47 14.06 -18.72
CA LEU A 50 9.68 13.31 -17.47
C LEU A 50 10.95 12.46 -17.61
N VAL A 51 11.12 11.82 -18.75
CA VAL A 51 12.30 11.01 -19.02
C VAL A 51 13.58 11.88 -18.90
N ARG A 52 13.56 13.00 -19.60
CA ARG A 52 14.67 13.96 -19.56
C ARG A 52 15.04 14.43 -18.16
N ALA A 53 14.04 14.73 -17.34
CA ALA A 53 14.24 15.12 -15.93
C ALA A 53 14.91 14.03 -15.13
N ALA A 54 14.48 12.80 -15.35
CA ALA A 54 15.07 11.64 -14.73
C ALA A 54 16.49 11.42 -15.21
N LYS A 55 16.70 11.59 -16.51
CA LYS A 55 18.06 11.39 -17.10
C LYS A 55 19.10 12.33 -16.52
N ARG A 56 18.68 13.54 -16.17
CA ARG A 56 19.63 14.51 -15.71
C ARG A 56 19.97 14.39 -14.23
N VAL A 57 19.36 13.45 -13.53
CA VAL A 57 19.82 13.11 -12.19
C VAL A 57 21.16 12.35 -12.32
N PRO A 58 22.25 12.90 -11.77
CA PRO A 58 23.58 12.30 -11.98
C PRO A 58 23.69 10.83 -11.55
N GLY A 59 24.25 9.98 -12.39
CA GLY A 59 24.36 8.56 -12.08
C GLY A 59 23.04 7.80 -12.17
N SER A 60 22.01 8.44 -12.73
CA SER A 60 20.71 7.80 -12.86
C SER A 60 20.75 6.61 -13.84
N VAL A 61 19.99 5.56 -13.51
CA VAL A 61 19.52 4.63 -14.53
C VAL A 61 18.02 4.87 -14.61
N VAL A 62 17.47 4.92 -15.81
CA VAL A 62 16.09 5.30 -15.94
C VAL A 62 15.22 4.10 -16.28
N VAL A 63 14.16 3.91 -15.48
CA VAL A 63 13.16 2.87 -15.72
C VAL A 63 11.86 3.52 -16.15
N VAL A 64 11.39 3.24 -17.38
CA VAL A 64 10.07 3.67 -17.78
C VAL A 64 9.10 2.48 -17.74
N SER A 65 8.01 2.59 -16.99
CA SER A 65 7.02 1.51 -17.01
C SER A 65 5.92 1.89 -17.97
N ILE A 66 5.41 0.88 -18.66
CA ILE A 66 4.33 1.04 -19.62
C ILE A 66 3.33 -0.05 -19.27
N PHE A 67 2.19 0.34 -18.77
CA PHE A 67 1.23 -0.64 -18.28
C PHE A 67 -0.09 0.09 -18.23
N VAL A 68 -1.03 -0.34 -19.07
CA VAL A 68 -2.38 0.21 -19.06
C VAL A 68 -3.11 -0.55 -17.96
N ASN A 69 -3.29 0.16 -16.88
CA ASN A 69 -3.77 -0.40 -15.63
C ASN A 69 -5.29 -0.55 -15.60
N PRO A 70 -5.79 -1.79 -15.72
CA PRO A 70 -7.25 -1.93 -15.72
C PRO A 70 -7.96 -1.34 -14.50
N MET A 71 -7.25 -1.27 -13.38
CA MET A 71 -7.90 -0.97 -12.12
C MET A 71 -8.35 0.49 -11.99
N GLN A 72 -7.77 1.38 -12.79
CA GLN A 72 -8.11 2.81 -12.72
C GLN A 72 -9.16 3.21 -13.79
N PHE A 73 -9.66 2.22 -14.52
CA PHE A 73 -10.66 2.45 -15.53
C PHE A 73 -12.01 2.04 -14.97
N GLY A 74 -13.06 2.68 -15.46
CA GLY A 74 -14.42 2.44 -14.97
C GLY A 74 -15.01 1.24 -15.65
N ALA A 75 -15.35 1.41 -16.92
CA ALA A 75 -15.82 0.28 -17.71
C ALA A 75 -14.68 -0.28 -18.55
N GLY A 76 -14.81 -1.56 -18.89
CA GLY A 76 -13.95 -2.19 -19.90
C GLY A 76 -13.95 -1.42 -21.22
N GLY A 77 -15.06 -0.72 -21.53
CA GLY A 77 -15.14 0.16 -22.72
C GLY A 77 -14.02 1.21 -22.84
N ASP A 78 -13.88 2.01 -21.77
CA ASP A 78 -12.74 2.91 -21.52
C ASP A 78 -11.39 2.22 -21.76
N LEU A 79 -11.21 1.10 -21.08
CA LEU A 79 -10.00 0.27 -21.16
C LEU A 79 -9.64 -0.17 -22.60
N ASP A 80 -10.61 -0.72 -23.34
CA ASP A 80 -10.38 -1.15 -24.73
C ASP A 80 -10.01 0.04 -25.67
N ALA A 81 -10.62 1.21 -25.40
CA ALA A 81 -10.39 2.43 -26.19
C ALA A 81 -9.06 3.14 -25.93
N TYR A 82 -8.41 2.85 -24.80
CA TYR A 82 -7.14 3.53 -24.46
C TYR A 82 -6.10 3.39 -25.56
N PRO A 83 -5.40 4.49 -25.97
CA PRO A 83 -4.38 4.36 -27.07
C PRO A 83 -3.21 3.43 -26.71
N ARG A 84 -2.91 2.50 -27.63
CA ARG A 84 -1.77 1.63 -27.42
C ARG A 84 -0.92 1.75 -28.67
N THR A 85 0.34 2.17 -28.47
CA THR A 85 1.28 2.37 -29.59
C THR A 85 2.66 1.88 -29.12
N PRO A 86 2.77 0.58 -28.79
CA PRO A 86 3.99 0.15 -28.08
C PRO A 86 5.30 0.25 -28.90
N ASP A 87 5.19 0.20 -30.23
CA ASP A 87 6.33 0.29 -31.10
C ASP A 87 6.90 1.72 -31.12
N ASP A 88 6.03 2.72 -31.23
CA ASP A 88 6.46 4.11 -31.14
C ASP A 88 7.05 4.31 -29.75
N ASP A 89 6.38 3.77 -28.72
CA ASP A 89 6.83 3.94 -27.33
C ASP A 89 8.28 3.49 -27.16
N LEU A 90 8.58 2.24 -27.51
CA LEU A 90 9.95 1.73 -27.38
C LEU A 90 10.96 2.50 -28.21
N ALA A 91 10.57 2.92 -29.42
CA ALA A 91 11.48 3.69 -30.28
C ALA A 91 11.82 5.02 -29.66
N GLN A 92 10.82 5.69 -29.09
CA GLN A 92 11.09 6.95 -28.37
C GLN A 92 12.01 6.73 -27.19
N LEU A 93 11.84 5.61 -26.49
CA LEU A 93 12.70 5.35 -25.31
C LEU A 93 14.14 5.12 -25.74
N ARG A 94 14.33 4.33 -26.81
CA ARG A 94 15.66 4.14 -27.39
C ARG A 94 16.35 5.48 -27.76
N ALA A 95 15.61 6.35 -28.43
CA ALA A 95 16.09 7.68 -28.86
C ALA A 95 16.50 8.56 -27.68
N GLU A 96 15.75 8.46 -26.59
CA GLU A 96 16.10 9.16 -25.36
C GLU A 96 17.24 8.56 -24.53
N GLY A 97 17.72 7.38 -24.87
CA GLY A 97 18.84 6.77 -24.11
C GLY A 97 18.39 6.05 -22.84
N VAL A 98 17.09 5.85 -22.66
CA VAL A 98 16.53 5.04 -21.53
C VAL A 98 17.05 3.61 -21.59
N GLU A 99 17.54 3.11 -20.46
CA GLU A 99 18.10 1.76 -20.45
C GLU A 99 17.12 0.65 -20.02
N ILE A 100 16.10 1.01 -19.27
CA ILE A 100 15.10 0.03 -18.89
C ILE A 100 13.66 0.43 -19.23
N ALA A 101 12.99 -0.42 -20.02
CA ALA A 101 11.52 -0.40 -20.13
C ALA A 101 10.92 -1.60 -19.37
N PHE A 102 9.89 -1.33 -18.59
CA PHE A 102 9.23 -2.37 -17.80
C PHE A 102 7.79 -2.45 -18.29
N THR A 103 7.50 -3.54 -18.99
CA THR A 103 6.22 -3.74 -19.66
C THR A 103 5.52 -5.01 -19.10
N PRO A 104 4.98 -4.95 -17.87
CA PRO A 104 4.38 -6.15 -17.31
C PRO A 104 3.06 -6.54 -17.98
N THR A 105 2.73 -7.82 -17.92
CA THR A 105 1.41 -8.32 -18.28
C THR A 105 0.40 -8.04 -17.14
N THR A 106 -0.88 -7.97 -17.51
CA THR A 106 -1.96 -7.85 -16.52
C THR A 106 -1.90 -9.04 -15.54
N ALA A 107 -1.61 -10.24 -16.06
CA ALA A 107 -1.57 -11.44 -15.19
C ALA A 107 -0.43 -11.33 -14.17
N ALA A 108 0.69 -10.76 -14.59
CA ALA A 108 1.81 -10.62 -13.66
C ALA A 108 1.54 -9.58 -12.59
N MET A 109 0.86 -8.49 -12.93
CA MET A 109 0.52 -7.45 -11.94
C MET A 109 -0.64 -7.83 -11.00
N TYR A 110 -1.62 -8.55 -11.55
CA TYR A 110 -2.84 -8.89 -10.81
C TYR A 110 -3.12 -10.40 -10.90
N PRO A 111 -2.19 -11.25 -10.43
CA PRO A 111 -2.43 -12.67 -10.54
C PRO A 111 -3.60 -13.15 -9.68
N ASP A 112 -4.00 -12.39 -8.65
CA ASP A 112 -5.10 -12.81 -7.79
C ASP A 112 -6.29 -11.94 -7.98
N GLY A 113 -6.31 -11.21 -9.08
CA GLY A 113 -7.39 -10.26 -9.34
C GLY A 113 -7.31 -9.11 -8.34
N LEU A 114 -8.42 -8.41 -8.16
CA LEU A 114 -8.47 -7.35 -7.17
C LEU A 114 -8.63 -7.94 -5.79
N ARG A 115 -7.73 -7.57 -4.90
CA ARG A 115 -7.79 -8.11 -3.54
C ARG A 115 -7.38 -6.98 -2.58
N THR A 116 -6.16 -6.97 -2.05
CA THR A 116 -5.78 -5.87 -1.18
C THR A 116 -5.62 -4.62 -2.08
N THR A 117 -6.19 -3.47 -1.71
CA THR A 117 -6.03 -2.25 -2.53
C THR A 117 -5.68 -1.03 -1.68
N VAL A 118 -5.32 0.08 -2.35
CA VAL A 118 -5.12 1.33 -1.63
C VAL A 118 -6.42 2.11 -1.62
N GLN A 119 -6.81 2.55 -0.44
CA GLN A 119 -7.95 3.43 -0.35
C GLN A 119 -7.41 4.84 -0.17
N PRO A 120 -7.53 5.73 -1.19
CA PRO A 120 -6.99 7.12 -1.02
C PRO A 120 -7.77 7.91 0.03
N GLY A 121 -7.24 9.04 0.48
CA GLY A 121 -8.03 9.95 1.37
C GLY A 121 -9.18 10.62 0.62
N PRO A 122 -9.91 11.54 1.29
CA PRO A 122 -11.11 12.12 0.68
C PRO A 122 -10.83 12.98 -0.58
N LEU A 123 -9.59 13.41 -0.84
CA LEU A 123 -9.33 14.13 -2.10
C LEU A 123 -9.71 13.26 -3.32
N ALA A 124 -9.72 11.93 -3.17
CA ALA A 124 -9.98 11.05 -4.32
C ALA A 124 -11.42 11.08 -4.76
N ALA A 125 -12.29 11.61 -3.90
CA ALA A 125 -13.71 11.74 -4.22
C ALA A 125 -14.02 13.13 -4.84
N GLU A 126 -13.00 14.00 -4.99
CA GLU A 126 -13.33 15.32 -5.52
CA GLU A 126 -13.15 15.41 -5.47
C GLU A 126 -12.80 15.47 -6.94
N LEU A 127 -13.29 16.52 -7.64
CA LEU A 127 -12.81 16.82 -8.99
C LEU A 127 -12.95 15.61 -9.94
N GLU A 128 -11.85 15.07 -10.45
CA GLU A 128 -11.94 13.93 -11.39
C GLU A 128 -12.54 12.69 -10.71
N GLY A 129 -12.41 12.61 -9.38
CA GLY A 129 -12.84 11.43 -8.63
C GLY A 129 -14.33 11.45 -8.35
N GLY A 130 -14.95 12.62 -8.56
CA GLY A 130 -16.36 12.77 -8.20
C GLY A 130 -17.27 11.69 -8.76
N PRO A 131 -17.36 11.60 -10.11
CA PRO A 131 -18.14 10.58 -10.80
C PRO A 131 -17.35 9.31 -11.10
N ARG A 132 -16.14 9.19 -10.56
CA ARG A 132 -15.30 8.03 -10.84
C ARG A 132 -14.73 7.59 -9.53
N PRO A 133 -15.58 7.01 -8.67
CA PRO A 133 -15.20 6.83 -7.24
C PRO A 133 -14.09 5.84 -6.94
N THR A 134 -13.77 4.93 -7.87
CA THR A 134 -12.67 3.96 -7.71
C THR A 134 -11.44 4.31 -8.57
N HIS A 135 -11.51 5.42 -9.30
CA HIS A 135 -10.44 5.76 -10.22
C HIS A 135 -9.10 5.90 -9.49
N PHE A 136 -9.05 6.78 -8.49
CA PHE A 136 -7.76 7.01 -7.81
C PHE A 136 -7.27 5.86 -6.94
N ALA A 137 -8.19 5.08 -6.39
CA ALA A 137 -7.79 3.79 -5.78
C ALA A 137 -7.00 2.92 -6.77
N GLY A 138 -7.52 2.82 -7.99
CA GLY A 138 -6.84 2.07 -9.07
C GLY A 138 -5.44 2.61 -9.36
N VAL A 139 -5.33 3.94 -9.45
CA VAL A 139 -4.01 4.59 -9.73
C VAL A 139 -3.06 4.37 -8.57
N LEU A 140 -3.51 4.63 -7.34
CA LEU A 140 -2.58 4.53 -6.17
C LEU A 140 -2.14 3.10 -5.93
N THR A 141 -3.07 2.18 -6.17
CA THR A 141 -2.74 0.75 -6.05
C THR A 141 -1.64 0.35 -7.04
N VAL A 142 -1.80 0.69 -8.31
CA VAL A 142 -0.76 0.31 -9.29
C VAL A 142 0.56 1.08 -9.05
N VAL A 143 0.47 2.34 -8.62
CA VAL A 143 1.69 3.08 -8.37
C VAL A 143 2.44 2.52 -7.15
N LEU A 144 1.69 2.17 -6.12
CA LEU A 144 2.34 1.51 -4.98
C LEU A 144 3.04 0.24 -5.46
N LYS A 145 2.39 -0.57 -6.28
CA LYS A 145 2.99 -1.82 -6.71
C LYS A 145 4.27 -1.53 -7.51
N LEU A 146 4.19 -0.56 -8.44
CA LEU A 146 5.34 -0.20 -9.27
C LEU A 146 6.51 0.24 -8.39
N LEU A 147 6.23 1.08 -7.38
CA LEU A 147 7.32 1.54 -6.45
C LEU A 147 7.97 0.39 -5.68
N GLN A 148 7.17 -0.61 -5.29
CA GLN A 148 7.68 -1.74 -4.55
C GLN A 148 8.47 -2.66 -5.43
N ILE A 149 8.06 -2.83 -6.69
CA ILE A 149 8.76 -3.71 -7.65
C ILE A 149 10.11 -3.07 -8.01
N VAL A 150 10.03 -1.81 -8.39
CA VAL A 150 11.20 -1.09 -8.95
C VAL A 150 12.09 -0.53 -7.84
N ARG A 151 11.50 -0.17 -6.71
CA ARG A 151 12.19 0.52 -5.58
C ARG A 151 13.09 1.69 -6.02
N PRO A 152 12.48 2.68 -6.71
CA PRO A 152 13.36 3.75 -7.23
C PRO A 152 13.73 4.76 -6.14
N ASP A 153 14.78 5.53 -6.39
CA ASP A 153 15.15 6.65 -5.51
C ASP A 153 14.22 7.83 -5.70
N ARG A 154 13.76 8.01 -6.93
CA ARG A 154 12.89 9.12 -7.28
C ARG A 154 11.86 8.62 -8.28
N VAL A 155 10.65 9.17 -8.21
CA VAL A 155 9.61 8.84 -9.17
C VAL A 155 9.04 10.14 -9.78
N PHE A 156 8.80 10.13 -11.09
CA PHE A 156 8.43 11.32 -11.87
C PHE A 156 6.99 11.30 -12.36
N PHE A 157 6.26 12.35 -11.99
CA PHE A 157 4.90 12.51 -12.45
C PHE A 157 4.66 13.90 -13.06
N GLY A 158 3.79 14.01 -14.05
CA GLY A 158 3.55 15.33 -14.63
C GLY A 158 2.65 16.15 -13.72
N GLU A 159 2.85 17.46 -13.68
CA GLU A 159 1.83 18.40 -13.12
C GLU A 159 0.54 18.45 -13.94
N LYS A 160 0.58 17.99 -15.18
CA LYS A 160 -0.61 17.96 -16.01
C LYS A 160 -1.75 17.22 -15.25
N ASP A 161 -1.46 16.03 -14.76
CA ASP A 161 -2.43 15.35 -13.94
C ASP A 161 -2.20 15.72 -12.50
N TYR A 162 -2.62 16.93 -12.16
CA TYR A 162 -2.19 17.52 -10.89
C TYR A 162 -2.83 16.84 -9.68
N GLN A 163 -4.11 16.55 -9.77
CA GLN A 163 -4.79 15.83 -8.69
C GLN A 163 -4.12 14.47 -8.42
N GLN A 164 -3.83 13.74 -9.47
CA GLN A 164 -3.02 12.53 -9.36
C GLN A 164 -1.67 12.70 -8.64
N LEU A 165 -0.93 13.75 -8.98
CA LEU A 165 0.36 14.01 -8.39
C LEU A 165 0.22 14.25 -6.91
N VAL A 166 -0.78 15.04 -6.51
CA VAL A 166 -1.02 15.34 -5.09
C VAL A 166 -1.33 14.05 -4.33
N LEU A 167 -2.26 13.25 -4.89
CA LEU A 167 -2.62 11.95 -4.33
C LEU A 167 -1.41 11.01 -4.18
N ILE A 168 -0.51 11.01 -5.17
CA ILE A 168 0.75 10.25 -5.02
C ILE A 168 1.65 10.74 -3.90
N ARG A 169 1.79 12.07 -3.77
CA ARG A 169 2.49 12.62 -2.61
C ARG A 169 1.89 12.16 -1.30
N GLN A 170 0.55 12.11 -1.21
CA GLN A 170 -0.13 11.61 0.01
C GLN A 170 0.16 10.14 0.25
N LEU A 171 0.08 9.38 -0.83
CA LEU A 171 0.44 7.94 -0.81
C LEU A 171 1.82 7.73 -0.18
N VAL A 172 2.78 8.44 -0.72
CA VAL A 172 4.18 8.33 -0.30
C VAL A 172 4.40 8.76 1.16
N ALA A 173 3.77 9.85 1.59
CA ALA A 173 3.86 10.34 2.99
C ALA A 173 3.18 9.36 3.97
N ASP A 174 1.95 8.97 3.63
CA ASP A 174 1.11 8.20 4.54
C ASP A 174 1.58 6.77 4.70
N PHE A 175 2.24 6.22 3.67
CA PHE A 175 2.73 4.85 3.75
C PHE A 175 4.24 4.82 4.01
N ASN A 176 4.82 5.99 4.27
CA ASN A 176 6.23 6.09 4.67
C ASN A 176 7.16 5.52 3.58
N LEU A 177 6.81 5.78 2.32
CA LEU A 177 7.58 5.20 1.25
C LEU A 177 8.88 5.97 1.16
N ASP A 178 9.96 5.26 0.88
CA ASP A 178 11.27 5.91 0.86
C ASP A 178 11.61 6.30 -0.58
N VAL A 179 10.89 7.26 -1.14
CA VAL A 179 11.06 7.68 -2.54
C VAL A 179 10.76 9.15 -2.54
N ALA A 180 11.51 9.93 -3.33
CA ALA A 180 11.20 11.33 -3.60
C ALA A 180 10.29 11.44 -4.81
N VAL A 181 9.16 12.13 -4.65
CA VAL A 181 8.27 12.38 -5.76
C VAL A 181 8.66 13.73 -6.43
N VAL A 182 8.92 13.69 -7.73
CA VAL A 182 9.29 14.87 -8.53
C VAL A 182 8.14 15.21 -9.51
N GLY A 183 7.56 16.41 -9.37
CA GLY A 183 6.54 16.86 -10.30
C GLY A 183 7.15 17.63 -11.45
N VAL A 184 6.80 17.29 -12.69
CA VAL A 184 7.39 17.98 -13.82
C VAL A 184 6.33 18.93 -14.46
N PRO A 185 6.72 20.22 -14.65
CA PRO A 185 5.83 21.17 -15.30
C PRO A 185 5.27 20.66 -16.63
N THR A 186 3.99 20.95 -16.81
CA THR A 186 3.28 20.65 -18.05
C THR A 186 3.95 21.13 -19.37
N VAL A 187 4.24 20.21 -20.29
CA VAL A 187 4.75 20.57 -21.63
C VAL A 187 3.56 20.96 -22.45
N ARG A 188 3.69 22.03 -23.27
CA ARG A 188 2.56 22.53 -24.07
C ARG A 188 2.86 22.62 -25.57
N GLU A 189 1.81 22.52 -26.39
CA GLU A 189 1.95 22.80 -27.82
C GLU A 189 2.24 24.31 -27.98
N ALA A 190 2.63 24.74 -29.17
CA ALA A 190 3.04 26.16 -29.42
C ALA A 190 1.96 27.16 -29.01
N ASP A 191 0.70 26.76 -29.19
CA ASP A 191 -0.39 27.65 -28.84
C ASP A 191 -0.79 27.65 -27.32
N GLY A 192 -0.19 26.74 -26.56
CA GLY A 192 -0.47 26.57 -25.12
C GLY A 192 -1.18 25.27 -24.76
N LEU A 193 -1.63 24.49 -25.73
CA LEU A 193 -2.40 23.28 -25.44
C LEU A 193 -1.55 22.29 -24.65
N ALA A 194 -2.04 21.88 -23.47
CA ALA A 194 -1.33 20.89 -22.64
C ALA A 194 -1.17 19.60 -23.45
N MET A 195 0.03 19.03 -23.46
CA MET A 195 0.29 17.75 -24.11
C MET A 195 -0.58 16.69 -23.44
N SER A 196 -1.19 15.84 -24.23
CA SER A 196 -1.93 14.73 -23.65
C SER A 196 -2.26 13.70 -24.69
N SER A 197 -2.39 12.46 -24.20
CA SER A 197 -2.66 11.31 -25.02
C SER A 197 -4.06 11.38 -25.57
N ARG A 198 -4.87 12.30 -25.03
CA ARG A 198 -6.25 12.52 -25.47
CA ARG A 198 -6.24 12.50 -25.49
C ARG A 198 -6.38 13.53 -26.62
N ASN A 199 -5.33 14.30 -26.90
CA ASN A 199 -5.33 15.31 -27.97
C ASN A 199 -5.57 14.72 -29.37
N ARG A 200 -5.19 13.46 -29.54
CA ARG A 200 -5.39 12.69 -30.81
C ARG A 200 -6.87 12.56 -31.22
N TYR A 201 -7.77 12.66 -30.25
CA TYR A 201 -9.23 12.58 -30.47
C TYR A 201 -9.93 13.90 -30.83
N LEU A 202 -9.14 14.96 -30.98
CA LEU A 202 -9.69 16.25 -31.39
C LEU A 202 -9.68 16.35 -32.92
N ASP A 203 -10.83 16.56 -33.54
CA ASP A 203 -10.87 16.90 -34.98
C ASP A 203 -10.34 18.34 -35.12
N PRO A 204 -10.15 18.82 -36.37
CA PRO A 204 -9.56 20.17 -36.58
C PRO A 204 -10.32 21.33 -35.91
N ALA A 205 -11.64 21.27 -35.88
CA ALA A 205 -12.44 22.31 -35.24
C ALA A 205 -12.10 22.28 -33.75
N GLN A 206 -12.20 21.07 -33.18
CA GLN A 206 -11.97 20.84 -31.78
C GLN A 206 -10.56 21.26 -31.37
N ARG A 207 -9.57 20.99 -32.21
CA ARG A 207 -8.19 21.29 -31.85
C ARG A 207 -8.04 22.81 -31.73
N ALA A 208 -8.67 23.53 -32.68
CA ALA A 208 -8.70 24.99 -32.67
C ALA A 208 -9.31 25.54 -31.39
N ALA A 209 -10.48 25.02 -31.01
CA ALA A 209 -11.24 25.46 -29.83
C ALA A 209 -10.49 25.16 -28.52
N ALA A 210 -9.68 24.09 -28.56
CA ALA A 210 -9.04 23.54 -27.36
C ALA A 210 -8.01 24.46 -26.73
N VAL A 211 -7.59 25.45 -27.49
CA VAL A 211 -6.60 26.43 -26.99
C VAL A 211 -7.27 27.25 -25.89
N ALA A 212 -8.61 27.28 -25.86
CA ALA A 212 -9.34 28.03 -24.85
C ALA A 212 -9.01 27.65 -23.40
N LEU A 213 -8.71 26.35 -23.13
CA LEU A 213 -8.36 25.97 -21.77
C LEU A 213 -7.10 26.71 -21.27
N SER A 214 -5.98 26.56 -21.98
CA SER A 214 -4.74 27.20 -21.57
C SER A 214 -4.81 28.73 -21.66
N ALA A 215 -5.48 29.27 -22.68
CA ALA A 215 -5.76 30.73 -22.73
C ALA A 215 -6.51 31.22 -21.48
N ALA A 216 -7.56 30.49 -21.12
CA ALA A 216 -8.37 30.84 -19.95
C ALA A 216 -7.53 30.79 -18.66
N LEU A 217 -6.71 29.73 -18.51
CA LEU A 217 -5.89 29.63 -17.34
C LEU A 217 -4.81 30.70 -17.24
N THR A 218 -4.11 30.97 -18.33
CA THR A 218 -3.09 32.02 -18.30
C THR A 218 -3.76 33.41 -18.15
N ALA A 219 -4.90 33.61 -18.79
CA ALA A 219 -5.66 34.86 -18.54
C ALA A 219 -5.97 35.00 -17.03
N ALA A 220 -6.51 33.94 -16.41
CA ALA A 220 -6.73 33.95 -14.96
C ALA A 220 -5.49 34.26 -14.14
N ALA A 221 -4.33 33.67 -14.49
CA ALA A 221 -3.16 33.83 -13.64
C ALA A 221 -2.72 35.29 -13.61
N HIS A 222 -2.92 36.00 -14.72
CA HIS A 222 -2.60 37.44 -14.76
C HIS A 222 -3.69 38.31 -14.21
N ALA A 223 -4.94 37.91 -14.37
CA ALA A 223 -6.06 38.64 -13.77
C ALA A 223 -6.01 38.63 -12.22
N ALA A 224 -5.35 37.61 -11.68
CA ALA A 224 -5.39 37.28 -10.26
C ALA A 224 -4.82 38.41 -9.37
N THR A 225 -4.16 39.40 -9.95
CA THR A 225 -3.75 40.56 -9.13
C THR A 225 -4.99 41.26 -8.64
N ALA A 226 -6.11 41.10 -9.35
CA ALA A 226 -7.34 41.74 -8.97
C ALA A 226 -8.23 40.82 -8.09
N GLY A 227 -7.71 39.65 -7.73
CA GLY A 227 -8.36 38.74 -6.79
C GLY A 227 -8.84 37.47 -7.43
N ALA A 228 -9.44 36.61 -6.59
CA ALA A 228 -9.92 35.28 -7.04
C ALA A 228 -11.08 35.38 -7.97
N GLN A 229 -12.02 36.26 -7.65
CA GLN A 229 -13.20 36.40 -8.48
C GLN A 229 -12.87 36.88 -9.90
N ALA A 230 -12.03 37.90 -10.01
CA ALA A 230 -11.52 38.34 -11.30
C ALA A 230 -10.80 37.21 -12.06
N ALA A 231 -9.92 36.46 -11.39
CA ALA A 231 -9.19 35.36 -12.06
C ALA A 231 -10.20 34.35 -12.62
N LEU A 232 -11.15 33.94 -11.76
CA LEU A 232 -12.19 32.98 -12.14
C LEU A 232 -13.06 33.50 -13.27
N ASP A 233 -13.47 34.76 -13.19
CA ASP A 233 -14.37 35.31 -14.22
C ASP A 233 -13.61 35.52 -15.54
N ALA A 234 -12.33 35.89 -15.48
CA ALA A 234 -11.49 35.93 -16.72
C ALA A 234 -11.46 34.56 -17.44
N ALA A 235 -11.16 33.50 -16.68
CA ALA A 235 -11.07 32.14 -17.23
C ALA A 235 -12.44 31.78 -17.81
N ARG A 236 -13.51 32.09 -17.09
CA ARG A 236 -14.86 31.71 -17.55
C ARG A 236 -15.23 32.42 -18.87
N ALA A 237 -14.84 33.69 -18.98
CA ALA A 237 -15.14 34.47 -20.18
C ALA A 237 -14.47 33.86 -21.39
N VAL A 238 -13.24 33.39 -21.22
CA VAL A 238 -12.51 32.84 -22.33
C VAL A 238 -13.10 31.49 -22.73
N LEU A 239 -13.51 30.69 -21.76
CA LEU A 239 -14.12 29.38 -22.05
C LEU A 239 -15.46 29.58 -22.74
N ASP A 240 -16.30 30.47 -22.22
CA ASP A 240 -17.54 30.91 -22.90
C ASP A 240 -17.45 31.49 -24.32
N ALA A 241 -16.35 32.16 -24.64
CA ALA A 241 -16.17 32.68 -25.98
C ALA A 241 -15.73 31.61 -26.98
N ALA A 242 -15.39 30.42 -26.48
CA ALA A 242 -14.94 29.30 -27.35
C ALA A 242 -16.08 28.36 -27.76
N PRO A 243 -16.16 28.07 -29.08
CA PRO A 243 -17.19 27.23 -29.67
C PRO A 243 -17.01 25.76 -29.35
N GLY A 244 -18.07 25.13 -28.87
CA GLY A 244 -18.11 23.70 -28.64
C GLY A 244 -17.27 23.27 -27.46
N VAL A 245 -17.09 24.18 -26.50
CA VAL A 245 -16.38 23.87 -25.27
C VAL A 245 -17.39 23.79 -24.13
N ALA A 246 -17.74 22.57 -23.73
CA ALA A 246 -18.58 22.35 -22.55
C ALA A 246 -17.74 22.20 -21.27
N VAL A 247 -17.82 23.19 -20.38
CA VAL A 247 -17.08 23.11 -19.14
C VAL A 247 -17.68 22.13 -18.14
N ASP A 248 -16.87 21.18 -17.62
N ASP A 248 -16.87 21.15 -17.70
CA ASP A 248 -17.29 20.30 -16.51
CA ASP A 248 -17.16 20.25 -16.59
C ASP A 248 -17.05 20.93 -15.13
C ASP A 248 -17.07 21.07 -15.28
N TYR A 249 -15.84 21.42 -14.89
CA TYR A 249 -15.55 22.20 -13.66
C TYR A 249 -14.43 23.22 -13.94
N LEU A 250 -14.45 24.31 -13.16
CA LEU A 250 -13.38 25.26 -13.14
C LEU A 250 -13.27 25.69 -11.69
N GLU A 251 -12.17 25.32 -11.04
CA GLU A 251 -12.07 25.50 -9.59
C GLU A 251 -10.72 25.96 -9.19
N LEU A 252 -10.72 26.87 -8.23
CA LEU A 252 -9.55 27.42 -7.63
C LEU A 252 -9.43 26.82 -6.24
N ARG A 253 -8.34 26.12 -6.00
CA ARG A 253 -8.13 25.47 -4.72
C ARG A 253 -6.78 25.87 -4.24
N ASP A 254 -6.52 25.62 -2.96
CA ASP A 254 -5.19 25.53 -2.38
C ASP A 254 -4.27 24.58 -3.20
N ILE A 255 -2.93 24.77 -3.13
CA ILE A 255 -2.00 23.96 -3.93
C ILE A 255 -1.99 22.49 -3.58
N GLY A 256 -2.37 22.17 -2.34
CA GLY A 256 -2.48 20.79 -1.89
C GLY A 256 -3.85 20.26 -2.20
N LEU A 257 -4.70 21.10 -2.79
CA LEU A 257 -6.14 20.82 -3.08
C LEU A 257 -6.98 20.35 -1.89
N GLY A 258 -6.51 20.59 -0.67
CA GLY A 258 -7.02 19.86 0.56
C GLY A 258 -8.03 20.60 1.44
N PRO A 259 -8.34 20.06 2.67
CA PRO A 259 -9.29 20.67 3.62
C PRO A 259 -8.79 22.00 4.22
N MET A 260 -8.38 22.91 3.34
CA MET A 260 -7.74 24.16 3.72
C MET A 260 -8.20 25.23 2.73
N PRO A 261 -8.54 26.43 3.25
CA PRO A 261 -8.94 27.51 2.35
C PRO A 261 -7.74 27.97 1.54
N LEU A 262 -8.03 28.37 0.29
CA LEU A 262 -7.06 29.04 -0.57
C LEU A 262 -6.48 30.26 0.15
N ASN A 263 -5.16 30.39 0.11
CA ASN A 263 -4.54 31.65 0.54
C ASN A 263 -3.99 32.56 -0.60
N GLY A 264 -2.67 32.74 -0.60
CA GLY A 264 -1.97 33.51 -1.63
C GLY A 264 -1.66 32.68 -2.86
N SER A 265 -1.31 31.40 -2.65
CA SER A 265 -0.88 30.48 -3.71
C SER A 265 -1.90 29.39 -3.87
N GLY A 266 -2.36 29.21 -5.11
CA GLY A 266 -3.39 28.25 -5.43
C GLY A 266 -3.13 27.49 -6.72
N ARG A 267 -4.13 26.72 -7.13
CA ARG A 267 -4.01 26.01 -8.39
C ARG A 267 -5.38 26.18 -8.98
N LEU A 268 -5.42 26.57 -10.23
CA LEU A 268 -6.67 26.70 -10.92
C LEU A 268 -6.77 25.50 -11.83
N LEU A 269 -7.91 24.81 -11.77
CA LEU A 269 -8.06 23.54 -12.50
C LEU A 269 -9.26 23.62 -13.37
N VAL A 270 -9.13 23.11 -14.57
CA VAL A 270 -10.29 23.08 -15.47
C VAL A 270 -10.44 21.69 -16.11
N ALA A 271 -11.69 21.27 -16.30
CA ALA A 271 -12.02 20.13 -17.16
C ALA A 271 -13.13 20.53 -18.11
N ALA A 272 -12.96 20.19 -19.38
CA ALA A 272 -13.93 20.60 -20.36
C ALA A 272 -14.11 19.54 -21.46
N ARG A 273 -15.30 19.49 -22.05
CA ARG A 273 -15.58 18.55 -23.14
C ARG A 273 -15.61 19.25 -24.46
N LEU A 274 -14.85 18.67 -25.38
CA LEU A 274 -14.93 18.98 -26.78
C LEU A 274 -15.42 17.71 -27.52
N GLY A 275 -16.67 17.75 -27.98
CA GLY A 275 -17.33 16.57 -28.54
C GLY A 275 -17.35 15.49 -27.50
N THR A 276 -16.65 14.40 -27.78
CA THR A 276 -16.56 13.28 -26.83
C THR A 276 -15.27 13.31 -26.01
N THR A 277 -14.37 14.23 -26.34
CA THR A 277 -13.05 14.28 -25.73
C THR A 277 -13.03 15.21 -24.52
N ARG A 278 -12.63 14.66 -23.38
CA ARG A 278 -12.54 15.41 -22.15
C ARG A 278 -11.07 15.84 -21.94
N LEU A 279 -10.85 17.16 -21.89
CA LEU A 279 -9.51 17.74 -21.67
C LEU A 279 -9.42 18.37 -20.28
N LEU A 280 -8.24 18.30 -19.70
CA LEU A 280 -7.97 18.87 -18.38
C LEU A 280 -6.80 19.83 -18.55
N ASP A 281 -6.72 20.83 -17.71
CA ASP A 281 -5.48 21.60 -17.61
C ASP A 281 -5.51 22.25 -16.24
N ASN A 282 -4.38 22.77 -15.82
CA ASN A 282 -4.31 23.46 -14.55
C ASN A 282 -3.08 24.35 -14.50
N ILE A 283 -3.07 25.32 -13.59
CA ILE A 283 -2.00 26.25 -13.58
C ILE A 283 -1.83 26.76 -12.18
N ALA A 284 -0.59 27.07 -11.79
CA ALA A 284 -0.35 27.83 -10.56
C ALA A 284 -0.91 29.26 -10.62
N ILE A 285 -1.49 29.68 -9.50
CA ILE A 285 -2.16 31.00 -9.41
C ILE A 285 -1.63 31.66 -8.12
N GLU A 286 -1.19 32.91 -8.21
CA GLU A 286 -0.85 33.69 -7.03
C GLU A 286 -1.94 34.76 -6.91
N ILE A 287 -2.53 34.88 -5.75
CA ILE A 287 -3.71 35.72 -5.63
C ILE A 287 -3.35 37.09 -5.01
N GLY A 288 -3.81 38.16 -5.62
CA GLY A 288 -3.55 39.51 -5.14
C GLY A 288 -2.09 39.98 -5.13
N THR A 289 -1.22 39.23 -5.75
CA THR A 289 -0.48 39.43 -6.95
C THR A 289 -0.96 38.44 -7.97
N ALA B 2 23.56 12.42 9.03
CA ALA B 2 24.15 11.91 10.31
C ALA B 2 23.24 10.87 10.97
N ILE B 3 23.74 9.64 11.09
CA ILE B 3 22.96 8.49 11.58
C ILE B 3 22.78 8.56 13.11
N PRO B 4 21.56 8.31 13.60
CA PRO B 4 21.33 8.28 15.05
C PRO B 4 22.27 7.26 15.70
N ALA B 5 22.58 7.44 16.98
CA ALA B 5 23.47 6.52 17.67
C ALA B 5 22.88 5.12 17.79
N PHE B 6 23.66 4.13 17.42
CA PHE B 6 23.31 2.74 17.64
C PHE B 6 24.47 2.07 18.35
N HIS B 7 24.22 1.55 19.55
CA HIS B 7 25.21 0.79 20.30
C HIS B 7 24.96 -0.70 20.18
N PRO B 8 25.88 -1.41 19.50
CA PRO B 8 25.71 -2.83 19.26
C PRO B 8 25.68 -3.57 20.58
N GLY B 9 24.90 -4.65 20.66
CA GLY B 9 24.79 -5.47 21.87
C GLY B 9 23.95 -4.86 22.98
N GLU B 10 23.39 -3.68 22.72
CA GLU B 10 22.56 -3.02 23.72
C GLU B 10 21.12 -2.79 23.21
N LEU B 11 20.17 -2.66 24.13
CA LEU B 11 18.83 -2.25 23.76
C LEU B 11 18.78 -0.75 23.44
N ASN B 12 18.68 -0.44 22.14
CA ASN B 12 18.57 0.94 21.67
C ASN B 12 17.09 1.26 21.43
N VAL B 13 16.59 2.33 22.04
CA VAL B 13 15.18 2.68 21.94
C VAL B 13 15.03 3.95 21.12
N TYR B 14 14.19 3.86 20.07
CA TYR B 14 13.84 4.96 19.18
C TYR B 14 12.35 5.20 19.11
N SER B 15 11.97 6.46 19.17
CA SER B 15 10.58 6.83 18.98
C SER B 15 10.31 7.47 17.63
N ALA B 16 11.33 8.10 17.02
CA ALA B 16 11.11 8.78 15.75
C ALA B 16 11.21 7.75 14.63
N PRO B 17 10.16 7.61 13.80
CA PRO B 17 10.25 6.71 12.66
C PRO B 17 11.43 7.01 11.76
N GLY B 18 11.84 8.29 11.69
CA GLY B 18 12.94 8.68 10.85
C GLY B 18 14.21 8.07 11.37
N ASP B 19 14.35 8.05 12.68
CA ASP B 19 15.55 7.51 13.31
C ASP B 19 15.70 6.01 13.12
N VAL B 20 14.62 5.26 13.35
CA VAL B 20 14.73 3.82 13.18
C VAL B 20 14.91 3.45 11.68
N ALA B 21 14.30 4.19 10.78
CA ALA B 21 14.57 4.06 9.34
C ALA B 21 16.07 4.17 9.01
N ASP B 22 16.70 5.22 9.57
CA ASP B 22 18.15 5.47 9.37
C ASP B 22 19.05 4.39 9.95
N VAL B 23 18.77 3.94 11.17
CA VAL B 23 19.58 2.92 11.82
C VAL B 23 19.41 1.59 11.07
N SER B 24 18.17 1.25 10.70
CA SER B 24 17.91 0.00 9.98
C SER B 24 18.69 -0.06 8.67
N ARG B 25 18.60 1.00 7.88
CA ARG B 25 19.31 1.12 6.58
C ARG B 25 20.82 0.98 6.81
N ALA B 26 21.32 1.75 7.78
CA ALA B 26 22.74 1.66 8.18
C ALA B 26 23.16 0.24 8.57
N LEU B 27 22.28 -0.45 9.28
CA LEU B 27 22.57 -1.80 9.72
C LEU B 27 22.58 -2.78 8.55
N ARG B 28 21.63 -2.60 7.63
CA ARG B 28 21.56 -3.43 6.45
C ARG B 28 22.84 -3.33 5.63
N LEU B 29 23.43 -2.14 5.62
CA LEU B 29 24.62 -1.87 4.80
C LEU B 29 25.90 -2.40 5.43
N THR B 30 25.84 -2.81 6.70
CA THR B 30 26.98 -3.39 7.40
C THR B 30 26.86 -4.91 7.58
N GLY B 31 25.94 -5.53 6.85
CA GLY B 31 25.77 -6.98 6.91
C GLY B 31 24.79 -7.57 7.91
N ARG B 32 24.04 -6.74 8.62
CA ARG B 32 22.99 -7.29 9.48
C ARG B 32 21.73 -7.66 8.69
N ARG B 33 21.06 -8.74 9.07
CA ARG B 33 19.74 -9.07 8.51
C ARG B 33 18.72 -8.52 9.50
N VAL B 34 17.89 -7.59 9.07
CA VAL B 34 16.93 -6.91 9.97
C VAL B 34 15.63 -7.69 10.12
N MET B 35 15.30 -8.04 11.35
CA MET B 35 14.11 -8.85 11.63
C MET B 35 13.15 -7.94 12.36
N LEU B 36 11.90 -7.91 11.91
CA LEU B 36 10.90 -7.10 12.60
C LEU B 36 9.90 -7.95 13.36
N VAL B 37 9.66 -7.61 14.63
CA VAL B 37 8.63 -8.26 15.46
C VAL B 37 7.63 -7.18 15.95
N PRO B 38 6.52 -6.98 15.23
CA PRO B 38 5.55 -5.96 15.70
C PRO B 38 4.69 -6.49 16.86
N THR B 39 4.53 -5.66 17.89
CA THR B 39 3.79 -6.00 19.10
C THR B 39 2.91 -4.84 19.50
N MET B 40 1.91 -5.13 20.30
CA MET B 40 1.16 -4.02 20.88
C MET B 40 1.52 -3.85 22.34
N GLY B 41 2.76 -4.17 22.72
CA GLY B 41 3.16 -4.09 24.14
C GLY B 41 2.42 -5.08 25.04
N ALA B 42 2.55 -4.92 26.36
CA ALA B 42 2.07 -5.91 27.32
C ALA B 42 2.57 -7.28 26.89
N LEU B 43 3.89 -7.43 26.82
CA LEU B 43 4.49 -8.64 26.26
C LEU B 43 4.30 -9.88 27.13
N HIS B 44 4.14 -11.03 26.49
CA HIS B 44 4.07 -12.30 27.18
C HIS B 44 4.88 -13.31 26.39
N GLU B 45 4.76 -14.58 26.78
CA GLU B 45 5.61 -15.60 26.23
C GLU B 45 5.46 -15.83 24.75
N GLY B 46 4.27 -15.57 24.23
CA GLY B 46 4.00 -15.63 22.80
C GLY B 46 4.86 -14.59 22.08
N HIS B 47 4.89 -13.38 22.61
CA HIS B 47 5.76 -12.33 22.08
C HIS B 47 7.23 -12.76 22.14
N LEU B 48 7.71 -13.33 23.25
CA LEU B 48 9.11 -13.79 23.33
C LEU B 48 9.48 -14.93 22.38
N ALA B 49 8.52 -15.82 22.11
CA ALA B 49 8.70 -16.80 21.06
C ALA B 49 8.98 -16.19 19.68
N LEU B 50 8.26 -15.11 19.33
CA LEU B 50 8.54 -14.31 18.10
C LEU B 50 9.97 -13.75 18.14
N VAL B 51 10.30 -13.11 19.24
CA VAL B 51 11.66 -12.62 19.44
C VAL B 51 12.69 -13.70 19.28
N ARG B 52 12.45 -14.88 19.86
CA ARG B 52 13.47 -15.92 19.81
C ARG B 52 13.69 -16.45 18.43
N ALA B 53 12.59 -16.64 17.69
CA ALA B 53 12.65 -17.07 16.29
C ALA B 53 13.46 -16.10 15.43
N ALA B 54 13.29 -14.82 15.68
CA ALA B 54 13.97 -13.77 14.94
C ALA B 54 15.45 -13.78 15.29
N LYS B 55 15.72 -13.92 16.59
CA LYS B 55 17.10 -13.93 17.12
C LYS B 55 17.95 -15.04 16.54
N ARG B 56 17.34 -16.15 16.16
CA ARG B 56 18.15 -17.25 15.68
C ARG B 56 18.55 -17.24 14.20
N VAL B 57 18.03 -16.29 13.41
CA VAL B 57 18.54 -16.07 12.04
C VAL B 57 19.98 -15.51 12.19
N PRO B 58 20.98 -16.19 11.57
CA PRO B 58 22.38 -15.71 11.65
C PRO B 58 22.57 -14.28 11.12
N GLY B 59 23.29 -13.46 11.89
CA GLY B 59 23.52 -12.06 11.59
C GLY B 59 22.31 -11.15 11.75
N SER B 60 21.27 -11.64 12.41
CA SER B 60 20.05 -10.87 12.63
C SER B 60 20.29 -9.67 13.56
N VAL B 61 19.61 -8.55 13.30
CA VAL B 61 19.35 -7.60 14.35
C VAL B 61 17.83 -7.60 14.49
N VAL B 62 17.35 -7.71 15.72
CA VAL B 62 15.94 -7.74 16.03
C VAL B 62 15.36 -6.35 16.33
N VAL B 63 14.39 -5.92 15.53
CA VAL B 63 13.59 -4.74 15.84
C VAL B 63 12.23 -5.18 16.41
N VAL B 64 11.89 -4.74 17.62
CA VAL B 64 10.55 -5.00 18.18
C VAL B 64 9.83 -3.67 18.20
N SER B 65 8.70 -3.57 17.50
CA SER B 65 7.94 -2.36 17.56
C SER B 65 6.90 -2.53 18.63
N ILE B 66 6.60 -1.45 19.32
CA ILE B 66 5.61 -1.44 20.40
C ILE B 66 4.77 -0.22 20.08
N PHE B 67 3.60 -0.47 19.51
CA PHE B 67 2.76 0.61 19.07
C PHE B 67 1.33 0.19 19.23
N VAL B 68 0.59 1.00 19.97
CA VAL B 68 -0.83 0.78 20.21
C VAL B 68 -1.56 1.52 19.11
N ASN B 69 -2.05 0.74 18.15
CA ASN B 69 -2.71 1.29 16.98
C ASN B 69 -4.15 1.64 17.30
N PRO B 70 -4.50 2.94 17.27
CA PRO B 70 -5.89 3.36 17.53
C PRO B 70 -6.88 2.93 16.41
N MET B 71 -6.35 2.60 15.22
CA MET B 71 -7.12 2.22 14.02
C MET B 71 -7.43 0.72 13.94
N GLN B 72 -6.53 -0.08 14.52
CA GLN B 72 -6.79 -1.50 14.76
C GLN B 72 -7.40 -1.71 16.15
N THR B 85 2.36 -1.56 30.25
CA THR B 85 3.60 -1.45 31.02
C THR B 85 4.85 -1.29 30.11
N PRO B 86 5.31 -0.03 29.89
CA PRO B 86 6.48 0.24 29.05
C PRO B 86 7.82 -0.27 29.60
N ASP B 87 8.09 -0.08 30.89
CA ASP B 87 9.39 -0.43 31.48
C ASP B 87 9.55 -1.90 31.76
N ASP B 88 8.43 -2.55 32.11
CA ASP B 88 8.32 -4.00 32.17
C ASP B 88 8.77 -4.59 30.81
N ASP B 89 8.09 -4.18 29.74
CA ASP B 89 8.34 -4.67 28.38
C ASP B 89 9.80 -4.52 27.92
N LEU B 90 10.35 -3.31 28.07
CA LEU B 90 11.75 -3.02 27.71
C LEU B 90 12.79 -3.88 28.43
N ALA B 91 12.53 -4.17 29.71
CA ALA B 91 13.37 -5.10 30.49
C ALA B 91 13.29 -6.52 29.98
N GLN B 92 12.12 -6.95 29.51
CA GLN B 92 12.05 -8.28 28.89
C GLN B 92 12.89 -8.36 27.62
N LEU B 93 12.74 -7.36 26.76
CA LEU B 93 13.49 -7.32 25.49
C LEU B 93 15.00 -7.28 25.71
N ARG B 94 15.44 -6.40 26.63
CA ARG B 94 16.84 -6.31 27.06
C ARG B 94 17.29 -7.68 27.54
N ALA B 95 16.43 -8.32 28.35
CA ALA B 95 16.66 -9.69 28.82
C ALA B 95 16.73 -10.72 27.66
N GLU B 96 16.06 -10.44 26.53
CA GLU B 96 16.09 -11.34 25.36
C GLU B 96 17.26 -11.03 24.45
N GLY B 97 18.02 -10.00 24.79
CA GLY B 97 19.14 -9.60 23.94
C GLY B 97 18.73 -8.94 22.63
N VAL B 98 17.59 -8.24 22.65
CA VAL B 98 17.05 -7.50 21.51
C VAL B 98 17.76 -6.15 21.40
N GLU B 99 18.12 -5.74 20.18
CA GLU B 99 18.89 -4.50 20.05
C GLU B 99 18.12 -3.20 19.74
N ILE B 100 16.94 -3.32 19.14
CA ILE B 100 16.17 -2.13 18.82
C ILE B 100 14.73 -2.31 19.28
N ALA B 101 14.27 -1.40 20.13
CA ALA B 101 12.85 -1.19 20.33
C ALA B 101 12.38 0.07 19.59
N PHE B 102 11.34 -0.06 18.78
CA PHE B 102 10.74 1.08 18.10
C PHE B 102 9.43 1.43 18.82
N THR B 103 9.35 2.62 19.42
CA THR B 103 8.23 3.00 20.29
C THR B 103 7.65 4.35 19.88
N PRO B 104 6.99 4.42 18.71
CA PRO B 104 6.58 5.72 18.21
C PRO B 104 5.27 6.16 18.83
N THR B 105 5.01 7.47 18.80
CA THR B 105 3.73 8.02 19.24
C THR B 105 2.74 7.89 18.11
N THR B 106 1.46 7.98 18.47
CA THR B 106 0.36 8.12 17.49
C THR B 106 0.58 9.26 16.49
N ALA B 107 1.02 10.42 16.98
CA ALA B 107 1.27 11.57 16.13
C ALA B 107 2.39 11.31 15.13
N ALA B 108 3.42 10.59 15.56
CA ALA B 108 4.57 10.29 14.73
C ALA B 108 4.19 9.34 13.59
N MET B 109 3.35 8.36 13.91
CA MET B 109 2.81 7.41 12.92
C MET B 109 1.79 8.03 11.98
N TYR B 110 0.99 8.96 12.51
CA TYR B 110 -0.07 9.61 11.75
C TYR B 110 0.10 11.15 11.75
N PRO B 111 1.23 11.67 11.21
CA PRO B 111 1.40 13.14 11.27
C PRO B 111 0.36 13.92 10.46
N ASP B 112 -0.32 13.28 9.52
CA ASP B 112 -1.32 13.98 8.71
C ASP B 112 -2.72 13.48 9.03
N GLY B 113 -2.82 12.80 10.17
CA GLY B 113 -4.00 12.02 10.54
C GLY B 113 -4.29 10.86 9.59
N LEU B 114 -5.52 10.36 9.69
CA LEU B 114 -6.05 9.33 8.80
C LEU B 114 -6.26 9.82 7.37
N ARG B 115 -5.53 9.25 6.43
CA ARG B 115 -5.67 9.73 5.08
C ARG B 115 -5.64 8.53 4.11
N THR B 116 -4.50 8.27 3.48
CA THR B 116 -4.41 7.03 2.65
C THR B 116 -4.39 5.79 3.56
N THR B 117 -5.19 4.79 3.21
CA THR B 117 -5.22 3.56 4.02
C THR B 117 -5.17 2.34 3.11
N VAL B 118 -4.88 1.17 3.73
CA VAL B 118 -5.04 -0.13 3.10
C VAL B 118 -6.47 -0.68 3.23
N GLN B 119 -7.05 -1.08 2.10
CA GLN B 119 -8.33 -1.77 2.04
C GLN B 119 -8.04 -3.25 1.81
N PRO B 120 -8.29 -4.07 2.83
CA PRO B 120 -8.17 -5.53 2.71
C PRO B 120 -9.07 -6.12 1.65
N GLY B 121 -8.72 -7.29 1.15
CA GLY B 121 -9.63 -8.01 0.28
C GLY B 121 -10.79 -8.57 1.11
N PRO B 122 -11.68 -9.34 0.47
CA PRO B 122 -12.95 -9.88 0.97
C PRO B 122 -12.78 -10.83 2.17
N LEU B 123 -11.61 -11.45 2.34
CA LEU B 123 -11.36 -12.24 3.56
C LEU B 123 -11.59 -11.42 4.84
N ALA B 124 -11.25 -10.12 4.79
CA ALA B 124 -11.40 -9.24 5.95
C ALA B 124 -12.85 -9.08 6.44
N ALA B 125 -13.80 -9.48 5.62
CA ALA B 125 -15.22 -9.33 5.92
C ALA B 125 -15.75 -10.58 6.64
N GLU B 126 -14.95 -11.65 6.65
CA GLU B 126 -15.37 -12.91 7.24
C GLU B 126 -14.79 -13.12 8.63
N LEU B 127 -15.30 -14.15 9.33
CA LEU B 127 -14.74 -14.56 10.61
C LEU B 127 -14.61 -13.39 11.59
N GLU B 128 -13.40 -12.99 11.97
CA GLU B 128 -13.22 -11.86 12.89
C GLU B 128 -13.69 -10.52 12.35
N GLY B 129 -13.86 -10.44 11.02
CA GLY B 129 -14.36 -9.24 10.37
C GLY B 129 -15.87 -9.06 10.43
N GLY B 130 -16.55 -10.03 11.03
CA GLY B 130 -17.99 -9.92 11.31
C GLY B 130 -18.33 -8.99 12.48
N PRO B 131 -17.74 -9.24 13.69
CA PRO B 131 -17.86 -8.26 14.80
C PRO B 131 -17.03 -6.97 14.64
N ARG B 132 -16.02 -6.97 13.77
CA ARG B 132 -15.08 -5.84 13.67
C ARG B 132 -14.64 -5.60 12.22
N PRO B 133 -15.51 -4.99 11.39
CA PRO B 133 -15.30 -4.97 9.93
C PRO B 133 -14.20 -4.04 9.38
N THR B 134 -13.67 -3.13 10.21
CA THR B 134 -12.59 -2.22 9.79
C THR B 134 -11.34 -2.47 10.61
N HIS B 135 -11.41 -3.50 11.46
CA HIS B 135 -10.27 -3.91 12.31
C HIS B 135 -9.04 -4.24 11.45
N PHE B 136 -9.25 -5.06 10.44
CA PHE B 136 -8.17 -5.48 9.57
C PHE B 136 -7.52 -4.38 8.70
N ALA B 137 -8.32 -3.38 8.27
CA ALA B 137 -7.79 -2.20 7.54
C ALA B 137 -6.78 -1.49 8.39
N GLY B 138 -7.15 -1.29 9.67
CA GLY B 138 -6.23 -0.69 10.64
C GLY B 138 -4.95 -1.48 10.79
N VAL B 139 -5.08 -2.79 10.96
CA VAL B 139 -3.92 -3.62 11.15
C VAL B 139 -3.01 -3.59 9.90
N LEU B 140 -3.59 -3.78 8.73
CA LEU B 140 -2.79 -3.85 7.49
C LEU B 140 -2.17 -2.49 7.21
N THR B 141 -2.89 -1.41 7.56
CA THR B 141 -2.36 -0.05 7.35
C THR B 141 -1.13 0.17 8.19
N VAL B 142 -1.19 -0.13 9.49
CA VAL B 142 -0.04 0.00 10.36
C VAL B 142 1.12 -0.94 10.01
N VAL B 143 0.81 -2.19 9.67
CA VAL B 143 1.88 -3.17 9.31
C VAL B 143 2.61 -2.71 8.07
N LEU B 144 1.86 -2.17 7.11
CA LEU B 144 2.50 -1.67 5.89
C LEU B 144 3.41 -0.52 6.25
N LYS B 145 2.93 0.42 7.07
CA LYS B 145 3.79 1.55 7.53
C LYS B 145 5.03 1.06 8.24
N LEU B 146 4.88 0.06 9.10
CA LEU B 146 6.03 -0.42 9.87
C LEU B 146 7.04 -1.08 8.96
N LEU B 147 6.54 -1.90 8.00
CA LEU B 147 7.38 -2.49 6.96
C LEU B 147 8.22 -1.45 6.17
N GLN B 148 7.58 -0.35 5.83
CA GLN B 148 8.23 0.72 5.05
C GLN B 148 9.22 1.52 5.88
N ILE B 149 8.94 1.66 7.18
CA ILE B 149 9.90 2.35 8.10
C ILE B 149 11.15 1.54 8.38
N VAL B 150 10.94 0.29 8.72
CA VAL B 150 12.01 -0.59 9.15
C VAL B 150 12.68 -1.28 7.98
N ARG B 151 11.92 -1.52 6.91
CA ARG B 151 12.38 -2.33 5.78
C ARG B 151 13.12 -3.60 6.25
N PRO B 152 12.40 -4.50 6.96
CA PRO B 152 13.07 -5.67 7.44
C PRO B 152 13.24 -6.73 6.33
N ASP B 153 14.20 -7.63 6.50
CA ASP B 153 14.27 -8.80 5.63
C ASP B 153 13.13 -9.81 5.92
N ARG B 154 12.78 -9.98 7.20
CA ARG B 154 11.69 -10.88 7.60
C ARG B 154 10.87 -10.22 8.69
N VAL B 155 9.58 -10.51 8.72
CA VAL B 155 8.68 -9.95 9.73
C VAL B 155 7.95 -11.12 10.42
N PHE B 156 7.83 -11.06 11.74
CA PHE B 156 7.36 -12.25 12.50
C PHE B 156 5.98 -11.97 13.10
N PHE B 157 5.04 -12.91 12.87
CA PHE B 157 3.67 -12.84 13.41
C PHE B 157 3.27 -14.21 14.00
N GLY B 158 2.50 -14.22 15.09
CA GLY B 158 2.03 -15.48 15.67
C GLY B 158 0.91 -16.07 14.84
N GLU B 159 0.82 -17.41 14.77
CA GLU B 159 -0.31 -18.08 14.10
C GLU B 159 -1.59 -17.96 14.92
N LYS B 160 -1.45 -17.48 16.15
CA LYS B 160 -2.58 -17.18 17.04
C LYS B 160 -3.63 -16.37 16.31
N ASP B 161 -3.19 -15.29 15.67
CA ASP B 161 -4.11 -14.47 14.91
C ASP B 161 -3.98 -14.87 13.46
N TYR B 162 -4.53 -16.04 13.15
CA TYR B 162 -4.26 -16.72 11.90
C TYR B 162 -4.84 -15.94 10.73
N GLN B 163 -6.05 -15.43 10.92
CA GLN B 163 -6.70 -14.66 9.87
C GLN B 163 -5.94 -13.35 9.60
N GLN B 164 -5.46 -12.71 10.66
CA GLN B 164 -4.59 -11.58 10.50
C GLN B 164 -3.35 -11.97 9.68
N LEU B 165 -2.72 -13.08 10.04
CA LEU B 165 -1.50 -13.54 9.39
C LEU B 165 -1.75 -13.77 7.88
N VAL B 166 -2.84 -14.43 7.56
CA VAL B 166 -3.22 -14.67 6.14
C VAL B 166 -3.44 -13.32 5.38
N LEU B 167 -4.10 -12.35 6.01
CA LEU B 167 -4.28 -11.03 5.44
C LEU B 167 -2.94 -10.30 5.20
N ILE B 168 -2.00 -10.45 6.13
N ILE B 168 -1.98 -10.46 6.11
CA ILE B 168 -0.64 -9.91 5.96
CA ILE B 168 -0.65 -9.87 5.92
C ILE B 168 0.09 -10.56 4.77
C ILE B 168 0.17 -10.56 4.81
N ARG B 169 0.01 -11.89 4.68
CA ARG B 169 0.54 -12.57 3.49
CA ARG B 169 0.52 -12.60 3.50
C ARG B 169 -0.12 -12.03 2.20
N GLN B 170 -1.42 -11.75 2.23
CA GLN B 170 -2.08 -11.15 1.05
C GLN B 170 -1.55 -9.73 0.77
N LEU B 171 -1.36 -8.95 1.82
CA LEU B 171 -0.79 -7.58 1.70
C LEU B 171 0.56 -7.62 0.97
N VAL B 172 1.43 -8.49 1.44
CA VAL B 172 2.80 -8.67 0.91
C VAL B 172 2.79 -9.09 -0.56
N ALA B 173 1.99 -10.08 -0.89
CA ALA B 173 1.78 -10.56 -2.27
C ALA B 173 1.21 -9.43 -3.15
N ASP B 174 0.09 -8.88 -2.73
CA ASP B 174 -0.66 -7.91 -3.53
C ASP B 174 0.08 -6.63 -3.82
N PHE B 175 0.92 -6.20 -2.85
CA PHE B 175 1.61 -4.94 -3.02
C PHE B 175 3.06 -5.15 -3.39
N ASN B 176 3.40 -6.41 -3.71
CA ASN B 176 4.76 -6.81 -4.14
C ASN B 176 5.82 -6.37 -3.13
N LEU B 177 5.50 -6.49 -1.83
CA LEU B 177 6.46 -6.07 -0.76
C LEU B 177 7.69 -7.00 -0.68
N ASP B 178 8.87 -6.44 -0.42
CA ASP B 178 10.07 -7.26 -0.44
C ASP B 178 10.44 -7.73 0.98
N VAL B 179 9.67 -8.65 1.55
CA VAL B 179 9.92 -9.12 2.92
C VAL B 179 9.38 -10.54 3.00
N ALA B 180 10.04 -11.41 3.77
CA ALA B 180 9.47 -12.75 4.08
C ALA B 180 8.60 -12.65 5.36
N VAL B 181 7.41 -13.22 5.29
CA VAL B 181 6.50 -13.25 6.42
C VAL B 181 6.67 -14.64 7.07
N VAL B 182 7.00 -14.62 8.36
CA VAL B 182 7.27 -15.85 9.12
C VAL B 182 6.18 -15.97 10.16
N GLY B 183 5.36 -17.02 10.04
CA GLY B 183 4.35 -17.30 11.05
C GLY B 183 4.91 -18.26 12.10
N VAL B 184 4.75 -17.89 13.36
CA VAL B 184 5.33 -18.63 14.50
C VAL B 184 4.18 -19.38 15.25
N PRO B 185 4.34 -20.71 15.43
CA PRO B 185 3.32 -21.52 16.14
C PRO B 185 2.91 -20.92 17.48
N THR B 186 1.62 -21.00 17.76
CA THR B 186 1.02 -20.49 19.00
C THR B 186 1.69 -21.10 20.26
N VAL B 187 2.16 -20.22 21.15
CA VAL B 187 2.65 -20.60 22.49
C VAL B 187 1.39 -20.84 23.35
N ARG B 188 1.41 -21.94 24.11
CA ARG B 188 0.25 -22.38 24.87
C ARG B 188 0.61 -22.60 26.36
N GLU B 189 -0.36 -22.36 27.22
CA GLU B 189 -0.26 -22.75 28.64
C GLU B 189 -0.21 -24.30 28.72
N ALA B 190 0.13 -24.80 29.91
CA ALA B 190 0.36 -26.23 30.10
C ALA B 190 -0.85 -27.09 29.72
N ASP B 191 -2.05 -26.54 29.89
CA ASP B 191 -3.26 -27.28 29.53
C ASP B 191 -3.72 -27.09 28.07
N GLY B 192 -2.95 -26.30 27.29
CA GLY B 192 -3.26 -26.06 25.88
C GLY B 192 -3.86 -24.70 25.54
N LEU B 193 -4.36 -23.93 26.51
CA LEU B 193 -4.94 -22.62 26.22
C LEU B 193 -3.94 -21.72 25.48
N ALA B 194 -4.36 -21.16 24.35
CA ALA B 194 -3.49 -20.31 23.56
C ALA B 194 -3.14 -19.05 24.36
N MET B 195 -1.86 -18.68 24.41
CA MET B 195 -1.46 -17.47 25.16
C MET B 195 -2.12 -16.22 24.58
N SER B 196 -2.61 -15.34 25.44
CA SER B 196 -3.27 -14.10 25.04
C SER B 196 -3.36 -13.24 26.28
N SER B 197 -3.35 -11.92 26.10
CA SER B 197 -3.40 -10.99 27.22
C SER B 197 -4.77 -11.10 27.87
N ARG B 198 -5.77 -11.45 27.05
CA ARG B 198 -7.14 -11.62 27.55
C ARG B 198 -7.30 -12.73 28.61
N ASN B 199 -6.39 -13.71 28.60
CA ASN B 199 -6.49 -14.82 29.54
C ASN B 199 -6.57 -14.42 31.02
N ARG B 200 -5.97 -13.29 31.37
CA ARG B 200 -5.97 -12.85 32.79
C ARG B 200 -7.31 -12.31 33.29
N TYR B 201 -8.26 -12.07 32.39
CA TYR B 201 -9.57 -11.55 32.77
C TYR B 201 -10.56 -12.63 33.17
N LEU B 202 -10.22 -13.87 32.81
CA LEU B 202 -11.05 -15.05 33.09
C LEU B 202 -11.04 -15.39 34.59
N ASP B 203 -12.23 -15.50 35.19
CA ASP B 203 -12.36 -16.13 36.50
C ASP B 203 -12.07 -17.62 36.40
N PRO B 204 -11.87 -18.30 37.55
CA PRO B 204 -11.44 -19.70 37.54
C PRO B 204 -12.36 -20.67 36.76
N ALA B 205 -13.67 -20.55 36.93
CA ALA B 205 -14.66 -21.29 36.12
C ALA B 205 -14.48 -21.04 34.62
N GLN B 206 -14.28 -19.78 34.24
CA GLN B 206 -14.07 -19.37 32.84
C GLN B 206 -12.75 -19.90 32.31
N ARG B 207 -11.71 -19.86 33.14
CA ARG B 207 -10.39 -20.28 32.75
C ARG B 207 -10.36 -21.79 32.62
N ALA B 208 -11.10 -22.49 33.49
CA ALA B 208 -11.18 -23.96 33.34
C ALA B 208 -11.99 -24.32 32.07
N ALA B 209 -13.09 -23.62 31.83
CA ALA B 209 -13.91 -23.84 30.61
C ALA B 209 -13.19 -23.51 29.29
N ALA B 210 -12.31 -22.49 29.33
CA ALA B 210 -11.55 -22.00 28.17
C ALA B 210 -10.72 -23.08 27.50
N VAL B 211 -10.29 -24.06 28.30
N VAL B 211 -10.29 -24.04 28.32
CA VAL B 211 -9.50 -25.19 27.81
CA VAL B 211 -9.52 -25.21 27.86
C VAL B 211 -10.24 -25.98 26.73
C VAL B 211 -10.24 -25.92 26.70
N ALA B 212 -11.58 -25.85 26.66
CA ALA B 212 -12.39 -26.53 25.64
C ALA B 212 -12.01 -26.08 24.24
N LEU B 213 -11.51 -24.84 24.08
CA LEU B 213 -11.20 -24.39 22.70
C LEU B 213 -10.05 -25.20 22.10
N SER B 214 -8.94 -25.28 22.82
CA SER B 214 -7.80 -26.01 22.34
C SER B 214 -8.08 -27.51 22.34
N ALA B 215 -8.75 -28.01 23.38
CA ALA B 215 -9.14 -29.44 23.42
C ALA B 215 -9.94 -29.84 22.20
N ALA B 216 -10.90 -29.00 21.81
CA ALA B 216 -11.74 -29.29 20.64
C ALA B 216 -10.93 -29.36 19.39
N LEU B 217 -10.00 -28.39 19.24
CA LEU B 217 -9.24 -28.29 18.00
C LEU B 217 -8.27 -29.45 17.89
N THR B 218 -7.61 -29.80 18.98
CA THR B 218 -6.65 -30.92 18.97
CA THR B 218 -6.64 -30.92 18.98
C THR B 218 -7.39 -32.25 18.77
N ALA B 219 -8.56 -32.40 19.39
CA ALA B 219 -9.39 -33.60 19.18
C ALA B 219 -9.74 -33.69 17.68
N ALA B 220 -10.17 -32.54 17.11
CA ALA B 220 -10.45 -32.43 15.65
C ALA B 220 -9.26 -32.80 14.76
N ALA B 221 -8.04 -32.33 15.09
CA ALA B 221 -6.90 -32.66 14.27
C ALA B 221 -6.67 -34.17 14.25
N HIS B 222 -6.89 -34.84 15.38
CA HIS B 222 -6.72 -36.31 15.42
C HIS B 222 -7.87 -37.11 14.82
N ALA B 223 -9.08 -36.60 14.97
CA ALA B 223 -10.25 -37.25 14.39
C ALA B 223 -10.21 -37.20 12.87
N ALA B 224 -9.38 -36.27 12.33
CA ALA B 224 -9.45 -35.95 10.90
C ALA B 224 -9.00 -37.10 9.98
N THR B 225 -8.28 -38.10 10.53
CA THR B 225 -8.05 -39.36 9.81
C THR B 225 -9.36 -39.97 9.32
N ALA B 226 -10.45 -39.72 10.06
CA ALA B 226 -11.78 -40.23 9.74
C ALA B 226 -12.64 -39.26 8.87
N GLY B 227 -12.04 -38.17 8.40
CA GLY B 227 -12.70 -37.20 7.51
C GLY B 227 -13.07 -35.87 8.14
N ALA B 228 -13.43 -34.92 7.28
CA ALA B 228 -13.79 -33.56 7.67
C ALA B 228 -14.99 -33.51 8.62
N GLN B 229 -16.04 -34.27 8.31
CA GLN B 229 -17.21 -34.31 9.18
C GLN B 229 -16.85 -34.82 10.60
N ALA B 230 -16.12 -35.93 10.69
CA ALA B 230 -15.69 -36.46 12.01
C ALA B 230 -14.91 -35.38 12.75
N ALA B 231 -14.02 -34.69 12.04
CA ALA B 231 -13.18 -33.67 12.67
C ALA B 231 -14.04 -32.57 13.29
N LEU B 232 -14.98 -32.07 12.50
CA LEU B 232 -15.87 -31.00 12.94
C LEU B 232 -16.82 -31.44 14.06
N ASP B 233 -17.39 -32.65 13.94
CA ASP B 233 -18.31 -33.14 14.97
C ASP B 233 -17.54 -33.36 16.27
N ALA B 234 -16.31 -33.86 16.20
CA ALA B 234 -15.50 -34.02 17.42
C ALA B 234 -15.24 -32.67 18.12
N ALA B 235 -14.84 -31.66 17.37
CA ALA B 235 -14.64 -30.32 17.94
C ALA B 235 -15.97 -29.82 18.53
N ARG B 236 -17.07 -29.96 17.81
CA ARG B 236 -18.33 -29.49 18.34
CA ARG B 236 -18.37 -29.54 18.31
C ARG B 236 -18.73 -30.19 19.64
N ALA B 237 -18.46 -31.49 19.74
CA ALA B 237 -18.76 -32.24 21.00
C ALA B 237 -17.96 -31.71 22.18
N VAL B 238 -16.68 -31.40 21.96
CA VAL B 238 -15.83 -30.92 23.04
C VAL B 238 -16.38 -29.54 23.53
N LEU B 239 -16.63 -28.62 22.60
CA LEU B 239 -17.22 -27.33 22.93
C LEU B 239 -18.59 -27.47 23.60
N ASP B 240 -19.38 -28.44 23.16
CA ASP B 240 -20.71 -28.71 23.77
C ASP B 240 -20.62 -29.26 25.21
N ALA B 241 -19.47 -29.83 25.56
CA ALA B 241 -19.21 -30.29 26.94
C ALA B 241 -18.80 -29.16 27.91
N ALA B 242 -18.58 -27.93 27.41
CA ALA B 242 -18.23 -26.84 28.32
C ALA B 242 -19.40 -25.92 28.63
N PRO B 243 -19.53 -25.53 29.90
CA PRO B 243 -20.57 -24.56 30.26
C PRO B 243 -20.10 -23.12 30.01
N GLY B 244 -21.00 -22.21 29.66
CA GLY B 244 -20.64 -20.79 29.53
C GLY B 244 -19.67 -20.48 28.38
N VAL B 245 -19.72 -21.26 27.30
CA VAL B 245 -18.80 -21.05 26.18
C VAL B 245 -19.65 -20.82 24.95
N ALA B 246 -19.81 -19.57 24.58
CA ALA B 246 -20.73 -19.21 23.50
C ALA B 246 -19.93 -19.14 22.20
N VAL B 247 -20.04 -20.18 21.38
CA VAL B 247 -19.23 -20.28 20.18
C VAL B 247 -19.75 -19.29 19.10
N ASP B 248 -18.86 -18.42 18.65
CA ASP B 248 -19.23 -17.48 17.61
C ASP B 248 -19.09 -18.15 16.24
N TYR B 249 -17.98 -18.87 16.02
CA TYR B 249 -17.88 -19.70 14.84
C TYR B 249 -16.96 -20.88 15.08
N LEU B 250 -17.10 -21.91 14.26
CA LEU B 250 -16.15 -23.03 14.24
C LEU B 250 -16.04 -23.44 12.77
N GLU B 251 -14.93 -23.11 12.12
CA GLU B 251 -14.87 -23.20 10.68
CA GLU B 251 -14.87 -23.20 10.69
C GLU B 251 -13.61 -23.87 10.19
N LEU B 252 -13.81 -24.82 9.29
CA LEU B 252 -12.70 -25.54 8.63
C LEU B 252 -12.50 -24.93 7.23
N ARG B 253 -11.27 -24.51 6.95
CA ARG B 253 -11.00 -23.80 5.71
C ARG B 253 -9.69 -24.33 5.16
N ASP B 254 -9.31 -23.95 3.93
CA ASP B 254 -7.97 -24.34 3.45
C ASP B 254 -6.99 -23.41 4.14
N ILE B 255 -5.71 -23.64 3.91
CA ILE B 255 -4.71 -22.93 4.67
C ILE B 255 -4.70 -21.40 4.43
N GLY B 256 -5.25 -20.97 3.29
CA GLY B 256 -5.33 -19.56 2.96
C GLY B 256 -6.69 -18.97 3.30
N LEU B 257 -7.54 -19.78 3.93
CA LEU B 257 -8.88 -19.42 4.42
C LEU B 257 -9.96 -19.35 3.33
N GLY B 258 -9.66 -19.96 2.20
CA GLY B 258 -10.68 -20.27 1.19
C GLY B 258 -11.44 -21.50 1.66
N PRO B 259 -12.38 -21.99 0.82
CA PRO B 259 -13.15 -23.19 1.18
C PRO B 259 -12.23 -24.40 1.32
N MET B 260 -12.60 -25.29 2.24
CA MET B 260 -11.77 -26.44 2.54
C MET B 260 -11.79 -27.40 1.37
N PRO B 261 -10.58 -27.80 0.90
CA PRO B 261 -10.47 -28.77 -0.18
C PRO B 261 -10.95 -30.15 0.30
N LEU B 262 -11.49 -30.96 -0.63
CA LEU B 262 -12.02 -32.28 -0.29
C LEU B 262 -11.18 -33.02 0.74
N ASN B 263 -9.92 -33.23 0.39
CA ASN B 263 -8.94 -33.81 1.27
C ASN B 263 -7.71 -32.90 1.19
N GLY B 264 -6.78 -33.04 2.14
CA GLY B 264 -5.57 -32.23 2.08
C GLY B 264 -5.43 -31.34 3.30
N SER B 265 -4.58 -30.33 3.19
CA SER B 265 -4.24 -29.44 4.30
C SER B 265 -5.27 -28.35 4.49
N GLY B 266 -5.60 -28.06 5.75
CA GLY B 266 -6.57 -27.02 6.08
C GLY B 266 -6.24 -26.36 7.41
N ARG B 267 -7.12 -25.49 7.85
CA ARG B 267 -7.02 -24.84 9.15
C ARG B 267 -8.41 -24.90 9.75
N LEU B 268 -8.49 -25.23 11.04
CA LEU B 268 -9.75 -25.14 11.78
C LEU B 268 -9.67 -24.00 12.77
N LEU B 269 -10.63 -23.08 12.69
CA LEU B 269 -10.62 -21.86 13.48
C LEU B 269 -11.84 -21.82 14.38
N VAL B 270 -11.70 -21.37 15.62
CA VAL B 270 -12.89 -21.20 16.45
C VAL B 270 -12.81 -19.84 17.17
N ALA B 271 -13.95 -19.25 17.54
CA ALA B 271 -13.99 -18.12 18.43
C ALA B 271 -15.19 -18.24 19.35
N ALA B 272 -15.01 -17.84 20.60
CA ALA B 272 -16.07 -18.02 21.58
C ALA B 272 -16.02 -16.91 22.62
N ARG B 273 -17.20 -16.59 23.17
CA ARG B 273 -17.28 -15.66 24.27
C ARG B 273 -17.46 -16.37 25.59
N LEU B 274 -16.63 -16.01 26.55
CA LEU B 274 -16.78 -16.51 27.90
C LEU B 274 -17.03 -15.29 28.83
N GLY B 275 -18.28 -15.12 29.27
CA GLY B 275 -18.66 -13.86 29.99
C GLY B 275 -18.50 -12.72 29.01
N THR B 276 -17.59 -11.79 29.28
CA THR B 276 -17.35 -10.72 28.26
C THR B 276 -16.02 -10.85 27.53
N THR B 277 -15.34 -11.98 27.69
CA THR B 277 -14.01 -12.16 27.11
C THR B 277 -14.16 -13.03 25.84
N ARG B 278 -13.70 -12.51 24.73
CA ARG B 278 -13.70 -13.24 23.46
C ARG B 278 -12.36 -13.91 23.28
N LEU B 279 -12.43 -15.22 23.01
CA LEU B 279 -11.23 -16.05 22.86
C LEU B 279 -11.17 -16.64 21.47
N LEU B 280 -9.95 -16.82 20.94
CA LEU B 280 -9.80 -17.38 19.60
C LEU B 280 -8.82 -18.51 19.66
N ASP B 281 -8.94 -19.47 18.77
CA ASP B 281 -7.86 -20.45 18.61
C ASP B 281 -7.96 -21.00 17.19
N ASN B 282 -6.90 -21.64 16.70
CA ASN B 282 -6.95 -22.28 15.41
C ASN B 282 -5.90 -23.39 15.38
N ILE B 283 -6.01 -24.34 14.45
CA ILE B 283 -5.02 -25.40 14.37
C ILE B 283 -4.92 -25.94 12.96
N ALA B 284 -3.73 -26.42 12.57
CA ALA B 284 -3.55 -27.15 11.32
C ALA B 284 -4.35 -28.43 11.36
N ILE B 285 -4.94 -28.74 10.23
CA ILE B 285 -5.75 -29.95 10.02
C ILE B 285 -5.30 -30.60 8.71
N GLU B 286 -5.01 -31.90 8.73
CA GLU B 286 -4.76 -32.65 7.48
C GLU B 286 -5.93 -33.63 7.28
N ILE B 287 -6.59 -33.57 6.13
CA ILE B 287 -7.85 -34.34 5.98
C ILE B 287 -7.65 -35.76 5.42
N GLY B 288 -7.77 -36.74 6.33
CA GLY B 288 -7.62 -38.16 6.01
C GLY B 288 -6.27 -38.68 6.45
C1 GOL C . -1.34 6.84 -13.23
O1 GOL C . -2.33 7.04 -14.23
C2 GOL C . 0.01 6.29 -13.70
O2 GOL C . 0.26 6.60 -15.05
C3 GOL C . 0.09 4.78 -13.49
O3 GOL C . -0.98 4.13 -14.14
C1 GOL D . -5.24 -16.97 -8.41
O1 GOL D . -5.68 -16.44 -7.18
C2 GOL D . -6.48 -17.44 -9.18
O2 GOL D . -7.52 -16.51 -9.03
C3 GOL D . -6.94 -18.80 -8.70
O3 GOL D . -6.74 -19.04 -7.31
C1 EOH E . -11.05 -4.38 -2.86
C2 EOH E . -10.16 -3.94 -1.70
O EOH E . -11.26 -5.79 -2.87
C1 EOH F . -1.20 33.02 -23.53
C2 EOH F . 0.13 32.81 -22.80
O EOH F . -2.23 32.07 -23.25
C1 EOH G . 10.02 7.58 8.21
C2 EOH G . 10.02 9.07 8.58
O EOH G . 9.24 7.37 7.07
C1 EDO H . -7.85 -6.16 -12.50
O1 EDO H . -8.38 -7.13 -11.60
C2 EDO H . -7.68 -4.89 -11.70
O2 EDO H . -8.66 -3.98 -12.16
C1 EDO I . -3.20 -5.99 -6.12
O1 EDO I . -2.36 -6.91 -6.79
C2 EDO I . -4.54 -6.65 -6.23
O2 EDO I . -5.44 -6.12 -5.29
C1 GOL J . 3.44 17.61 -18.97
O1 GOL J . 3.39 17.47 -20.34
C2 GOL J . 4.41 16.59 -18.53
O2 GOL J . 5.64 17.20 -18.75
C3 GOL J . 4.11 16.44 -17.06
O3 GOL J . 3.29 17.52 -16.69
C1 GOL K . -11.43 -1.02 -8.29
O1 GOL K . -10.24 -0.24 -8.27
C2 GOL K . -12.16 -0.77 -6.97
O2 GOL K . -13.21 -1.68 -6.76
C3 GOL K . -11.25 -0.71 -5.74
O3 GOL K . -12.13 -1.03 -4.70
C1 GOL L . 8.79 -3.62 3.15
O1 GOL L . 7.83 -4.11 2.26
C2 GOL L . 9.87 -3.10 2.23
O2 GOL L . 10.42 -1.94 2.78
C3 GOL L . 9.19 -2.76 0.93
O3 GOL L . 9.16 -3.85 0.05
C1 EOH M . -4.48 -19.36 19.03
C2 EOH M . -5.51 -18.52 18.23
O EOH M . -3.82 -20.37 18.30
C1 EOH N . -16.44 -23.30 6.19
C2 EOH N . -16.01 -24.06 4.92
O EOH N . -15.49 -22.33 6.54
C1 EOH O . 16.78 -1.26 5.24
C2 EOH O . 17.00 -2.25 4.07
O EOH O . 16.64 -1.93 6.49
C FG5 P . -2.50 -12.10 21.88
N FG5 P . -0.67 -13.17 20.35
O FG5 P . -3.75 -11.96 21.99
CA FG5 P . -2.04 -13.23 20.98
CAA FG5 P . 3.84 -17.14 19.39
OAC FG5 P . 2.42 -9.12 18.55
OAD FG5 P . 0.56 -8.11 19.95
CAF FG5 P . 0.65 -3.89 14.74
CAG FG5 P . -0.35 -4.64 14.11
CAH FG5 P . 0.71 -16.48 21.02
CAI FG5 P . 1.26 -4.47 15.85
CAJ FG5 P . -0.71 -5.89 14.59
CAK FG5 P . -0.19 -15.43 21.04
CAL FG5 P . 2.15 -15.01 19.73
CAM FG5 P . 1.23 -12.77 19.29
CAN FG5 P . 1.30 -6.39 17.29
CAO FG5 P . -0.55 -10.87 19.35
NAQ FG5 P . -0.01 -10.21 18.15
OAR FG5 P . 2.78 -17.28 20.34
OAS FG5 P . -0.25 -7.59 16.37
CAU FG5 P . 1.90 -16.26 20.35
CAV FG5 P . 0.03 -12.28 19.65
CAW FG5 P . 0.63 -7.53 17.35
CAX FG5 P . 0.86 -5.67 16.27
CAY FG5 P . 1.25 -14.02 19.79
CAZ FG5 P . -0.10 -6.38 15.66
CBA FG5 P . 0.08 -14.26 20.43
SBC FG5 P . 0.93 -8.75 18.59
OXT FG5 P . -1.62 -11.43 22.48
#